data_6J4E
#
_entry.id   6J4E
#
_cell.length_a   99.000
_cell.length_b   99.000
_cell.length_c   114.333
_cell.angle_alpha   90.00
_cell.angle_beta   90.00
_cell.angle_gamma   120.00
#
_symmetry.space_group_name_H-M   'P 65 2 2'
#
loop_
_entity.id
_entity.type
_entity.pdbx_description
1 polymer "DNA (5'-D(*AP*GP*CP*CP*TP*TP*TP*GP*AP*CP*CP*AP*GP*CP*G)-3')"
2 polymer "DNA (5'-D(*TP*CP*GP*CP*TP*GP*GP*TP*CP*AP*AP*AP*GP*GP*C)-3')"
3 polymer 'WRKY transcription factor 1'
4 non-polymer 'ZINC ION'
#
loop_
_entity_poly.entity_id
_entity_poly.type
_entity_poly.pdbx_seq_one_letter_code
_entity_poly.pdbx_strand_id
1 'polydeoxyribonucleotide' (DA)(DG)(DC)(DC)(DT)(DT)(DT)(DG)(DA)(DC)(DC)(DA)(DG)(DC)(DG) C
2 'polydeoxyribonucleotide' (DT)(DC)(DG)(DC)(DT)(DG)(DG)(DT)(DC)(DA)(DA)(DA)(DG)(DG)(DC) D
3 'polypeptide(L)' MNSPFIREKVMEDGYNWRKYGQKLVKGNEFVRSYYRCTHPNCKAKKQLERSAGGQVVDTVYFGEHDHPKPLCLEHHHHHH B
#
# COMPACT_ATOMS: atom_id res chain seq x y z
N VAL C 10 6.52 -6.13 2.21
CA VAL C 10 7.06 -7.41 1.79
C VAL C 10 6.05 -8.53 2.12
N MET C 11 5.06 -8.24 2.97
CA MET C 11 4.04 -9.25 3.25
C MET C 11 2.95 -9.23 2.18
N GLU C 12 2.26 -10.37 2.04
CA GLU C 12 1.33 -10.59 0.95
C GLU C 12 -0.08 -10.78 1.46
N ASP C 13 -1.03 -10.26 0.67
CA ASP C 13 -2.46 -10.30 0.96
C ASP C 13 -3.25 -10.78 -0.24
N GLY C 14 -2.58 -11.38 -1.22
CA GLY C 14 -3.25 -12.04 -2.32
C GLY C 14 -3.60 -11.17 -3.51
N TYR C 15 -3.06 -9.96 -3.58
CA TYR C 15 -3.34 -9.06 -4.70
C TYR C 15 -2.03 -8.55 -5.27
N ASN C 16 -2.13 -7.92 -6.43
CA ASN C 16 -0.97 -7.37 -7.12
C ASN C 16 -0.98 -5.87 -7.04
N TRP C 17 0.02 -5.32 -6.39
CA TRP C 17 0.09 -3.89 -6.18
C TRP C 17 1.30 -3.35 -6.90
N ARG C 18 1.14 -2.19 -7.52
CA ARG C 18 2.23 -1.41 -8.08
C ARG C 18 2.44 -0.17 -7.23
N LYS C 19 3.70 0.18 -6.98
CA LYS C 19 4.03 1.30 -6.09
C LYS C 19 4.08 2.59 -6.88
N TYR C 20 3.28 3.57 -6.46
CA TYR C 20 3.23 4.81 -7.22
C TYR C 20 3.75 6.01 -6.44
N GLY C 21 4.31 5.79 -5.26
CA GLY C 21 5.00 6.87 -4.60
C GLY C 21 5.50 6.41 -3.26
N GLN C 22 6.30 7.25 -2.64
CA GLN C 22 6.74 7.00 -1.28
C GLN C 22 7.13 8.32 -0.64
N LYS C 23 6.74 8.51 0.61
CA LYS C 23 6.84 9.82 1.25
C LYS C 23 7.14 9.66 2.73
N LEU C 24 7.92 10.61 3.26
CA LEU C 24 8.18 10.69 4.69
C LEU C 24 7.08 11.51 5.35
N VAL C 25 6.60 11.04 6.50
CA VAL C 25 5.44 11.66 7.12
C VAL C 25 5.66 11.84 8.61
N LYS C 26 4.75 12.59 9.22
CA LYS C 26 4.73 12.78 10.66
C LYS C 26 6.13 13.12 11.15
N GLY C 27 6.71 14.13 10.52
CA GLY C 27 8.03 14.60 10.87
C GLY C 27 9.12 13.56 10.75
N ASN C 28 9.29 13.00 9.55
CA ASN C 28 10.35 12.05 9.25
C ASN C 28 10.40 10.88 10.21
N GLU C 29 9.29 10.60 10.90
CA GLU C 29 9.31 9.49 11.84
C GLU C 29 9.02 8.18 11.13
N PHE C 30 7.93 8.13 10.37
CA PHE C 30 7.59 6.99 9.54
C PHE C 30 7.71 7.37 8.08
N VAL C 31 7.79 6.34 7.24
CA VAL C 31 7.79 6.53 5.81
C VAL C 31 6.67 5.69 5.22
N ARG C 32 5.92 6.29 4.31
CA ARG C 32 4.67 5.76 3.80
C ARG C 32 4.84 5.39 2.34
N SER C 33 4.35 4.21 1.98
CA SER C 33 4.44 3.71 0.62
C SER C 33 3.05 3.62 0.05
N TYR C 34 2.87 4.04 -1.20
CA TYR C 34 1.57 4.09 -1.88
C TYR C 34 1.53 3.10 -3.03
N TYR C 35 0.57 2.17 -2.96
CA TYR C 35 0.36 1.19 -4.01
C TYR C 35 -1.06 1.27 -4.57
N ARG C 36 -1.23 0.88 -5.84
CA ARG C 36 -2.56 0.71 -6.39
C ARG C 36 -2.64 -0.65 -7.07
N CYS C 37 -3.86 -1.17 -7.19
CA CYS C 37 -4.07 -2.50 -7.73
C CYS C 37 -3.78 -2.54 -9.22
N THR C 38 -3.11 -3.60 -9.63
CA THR C 38 -2.60 -3.77 -10.97
C THR C 38 -3.68 -4.19 -11.96
N HIS C 39 -4.80 -4.72 -11.47
CA HIS C 39 -5.83 -5.22 -12.35
C HIS C 39 -6.51 -4.07 -13.08
N PRO C 40 -6.82 -4.22 -14.36
CA PRO C 40 -7.38 -3.11 -15.14
C PRO C 40 -8.69 -2.59 -14.59
N ASN C 41 -8.85 -1.27 -14.67
CA ASN C 41 -10.03 -0.55 -14.21
C ASN C 41 -10.22 -0.60 -12.71
N CYS C 42 -9.38 -1.31 -11.99
CA CYS C 42 -9.58 -1.49 -10.56
C CYS C 42 -9.08 -0.26 -9.80
N LYS C 43 -9.97 0.39 -9.08
CA LYS C 43 -9.61 1.63 -8.40
C LYS C 43 -9.09 1.40 -6.96
N ALA C 44 -8.88 0.16 -6.55
CA ALA C 44 -8.45 -0.11 -5.18
C ALA C 44 -7.01 0.34 -4.99
N LYS C 45 -6.74 1.02 -3.88
CA LYS C 45 -5.39 1.43 -3.49
C LYS C 45 -5.14 1.03 -2.06
N LYS C 46 -3.90 0.68 -1.76
CA LYS C 46 -3.50 0.57 -0.37
C LYS C 46 -2.24 1.39 -0.14
N GLN C 47 -2.02 1.75 1.11
CA GLN C 47 -0.77 2.34 1.51
C GLN C 47 -0.31 1.61 2.75
N LEU C 48 1.00 1.58 2.94
CA LEU C 48 1.54 0.96 4.12
C LEU C 48 2.75 1.75 4.56
N GLU C 49 2.98 1.73 5.86
CA GLU C 49 3.66 2.79 6.56
C GLU C 49 4.66 2.14 7.49
N ARG C 50 5.94 2.40 7.25
CA ARG C 50 7.00 1.68 7.93
C ARG C 50 7.64 2.57 8.98
N SER C 51 8.09 1.94 10.06
CA SER C 51 8.82 2.60 11.12
C SER C 51 10.23 2.93 10.65
N ALA C 52 10.93 3.73 11.44
CA ALA C 52 12.31 4.07 11.14
C ALA C 52 13.17 2.82 10.99
N GLY C 53 12.89 1.79 11.80
CA GLY C 53 13.59 0.52 11.70
C GLY C 53 13.02 -0.45 10.69
N GLY C 54 12.37 0.05 9.65
CA GLY C 54 11.81 -0.80 8.61
C GLY C 54 10.60 -1.63 9.03
N GLN C 55 10.27 -1.67 10.31
CA GLN C 55 9.12 -2.40 10.78
C GLN C 55 7.83 -1.74 10.31
N VAL C 56 6.84 -2.54 9.94
CA VAL C 56 5.58 -2.06 9.39
C VAL C 56 4.60 -1.72 10.52
N VAL C 57 4.13 -0.48 10.57
CA VAL C 57 3.19 -0.09 11.62
C VAL C 57 1.76 -0.45 11.23
N ASP C 58 1.22 0.27 10.26
CA ASP C 58 -0.14 0.06 9.82
C ASP C 58 -0.18 -0.27 8.33
N THR C 59 -1.37 -0.65 7.88
CA THR C 59 -1.66 -0.85 6.49
C THR C 59 -3.07 -0.33 6.23
N VAL C 60 -3.23 0.45 5.18
CA VAL C 60 -4.48 1.14 4.93
C VAL C 60 -4.98 0.70 3.58
N TYR C 61 -6.25 0.28 3.53
CA TYR C 61 -6.87 -0.16 2.30
C TYR C 61 -7.99 0.80 1.95
N PHE C 62 -8.02 1.21 0.69
CA PHE C 62 -9.02 2.10 0.15
C PHE C 62 -9.76 1.37 -0.95
N GLY C 63 -11.08 1.45 -0.93
CA GLY C 63 -11.85 0.89 -2.01
C GLY C 63 -11.89 -0.64 -2.03
N GLU C 64 -12.50 -1.16 -3.10
CA GLU C 64 -12.65 -2.58 -3.28
C GLU C 64 -12.33 -2.92 -4.73
N HIS C 65 -11.88 -4.14 -4.96
CA HIS C 65 -11.51 -4.53 -6.30
C HIS C 65 -12.74 -4.84 -7.13
N ASP C 66 -12.61 -4.69 -8.43
CA ASP C 66 -13.70 -5.08 -9.30
C ASP C 66 -13.54 -6.51 -9.79
N HIS C 67 -12.49 -7.17 -9.35
CA HIS C 67 -12.11 -8.50 -9.75
C HIS C 67 -11.92 -9.28 -8.47
N PRO C 68 -11.96 -10.58 -8.51
CA PRO C 68 -11.64 -11.36 -7.31
C PRO C 68 -10.15 -11.57 -7.12
N LYS C 69 -9.74 -12.31 -6.09
CA LYS C 69 -8.34 -12.51 -5.85
C LYS C 69 -7.73 -13.35 -6.97
N PRO C 70 -6.55 -12.99 -7.46
CA PRO C 70 -5.88 -13.79 -8.49
C PRO C 70 -5.11 -14.97 -7.91
#